data_7E0E
#
_entry.id   7E0E
#
_cell.length_a   42.733
_cell.length_b   42.733
_cell.length_c   180.695
_cell.angle_alpha   90.000
_cell.angle_beta   90.000
_cell.angle_gamma   90.000
#
_symmetry.space_group_name_H-M   'P 41 21 2'
#
loop_
_entity.id
_entity.type
_entity.pdbx_description
1 polymer 'Interferon alpha-2'
2 non-polymer GLYCEROL
3 non-polymer 'PHOSPHATE ION'
4 water water
#
_entity_poly.entity_id   1
_entity_poly.type   'polypeptide(L)'
_entity_poly.pdbx_seq_one_letter_code
;CDLPHTYNLRNKRALKVLAQMRRLPFLSCLKDRQDFGFPLEKVDNQQIQKAQAIPVLRDLTQQTLNLFTSKASSAAWNTT
LLDSFCNDLHQQLNDLQTCLMQQVGVQEPPLTQEDALLAVRKYFHRITVYLREKKHSPCAWEVVRAEVWRALSSSVNLLP
RLSEEKE
;
_entity_poly.pdbx_strand_id   A
#
loop_
_chem_comp.id
_chem_comp.type
_chem_comp.name
_chem_comp.formula
GOL non-polymer GLYCEROL 'C3 H8 O3'
PO4 non-polymer 'PHOSPHATE ION' 'O4 P -3'
#
# COMPACT_ATOMS: atom_id res chain seq x y z
N PRO A 4 15.71 -1.91 8.26
CA PRO A 4 15.42 -3.16 7.53
C PRO A 4 14.59 -4.14 8.36
N HIS A 5 14.85 -4.16 9.66
CA HIS A 5 14.23 -5.10 10.58
C HIS A 5 12.87 -4.60 11.06
N THR A 6 12.83 -3.38 11.61
CA THR A 6 11.60 -2.83 12.16
C THR A 6 10.54 -2.62 11.08
N TYR A 7 10.95 -2.14 9.89
CA TYR A 7 10.00 -2.04 8.79
C TYR A 7 9.33 -3.39 8.54
N ASN A 8 10.13 -4.46 8.51
CA ASN A 8 9.58 -5.80 8.33
C ASN A 8 8.56 -6.14 9.41
N LEU A 9 8.93 -5.92 10.68
CA LEU A 9 8.04 -6.34 11.77
C LEU A 9 6.69 -5.61 11.72
N ARG A 10 6.71 -4.28 11.68
CA ARG A 10 5.44 -3.58 11.65
CA ARG A 10 5.43 -3.61 11.66
C ARG A 10 4.72 -3.78 10.33
N ASN A 11 5.44 -4.09 9.24
CA ASN A 11 4.73 -4.42 8.02
C ASN A 11 4.01 -5.76 8.16
N LYS A 12 4.59 -6.68 8.93
CA LYS A 12 3.87 -7.92 9.26
C LYS A 12 2.53 -7.60 9.90
N ARG A 13 2.56 -6.72 10.91
CA ARG A 13 1.32 -6.36 11.59
CA ARG A 13 1.32 -6.35 11.61
C ARG A 13 0.35 -5.63 10.66
N ALA A 14 0.87 -4.75 9.83
CA ALA A 14 0.00 -4.05 8.88
C ALA A 14 -0.69 -5.04 7.96
N LEU A 15 0.06 -6.02 7.44
CA LEU A 15 -0.54 -6.98 6.51
C LEU A 15 -1.55 -7.87 7.22
N LYS A 16 -1.28 -8.25 8.48
CA LYS A 16 -2.25 -9.03 9.24
C LYS A 16 -3.58 -8.28 9.37
N VAL A 17 -3.52 -7.01 9.79
CA VAL A 17 -4.75 -6.25 9.95
C VAL A 17 -5.44 -6.02 8.61
N LEU A 18 -4.67 -5.74 7.56
CA LEU A 18 -5.30 -5.46 6.27
C LEU A 18 -5.98 -6.70 5.70
N ALA A 19 -5.43 -7.89 5.97
CA ALA A 19 -6.14 -9.12 5.62
C ALA A 19 -7.42 -9.27 6.45
N GLN A 20 -7.35 -8.95 7.74
CA GLN A 20 -8.57 -9.02 8.56
C GLN A 20 -9.66 -8.05 8.10
N MET A 21 -9.27 -6.95 7.44
CA MET A 21 -10.25 -5.94 7.03
C MET A 21 -11.17 -6.43 5.92
N ARG A 22 -10.79 -7.48 5.21
CA ARG A 22 -11.65 -8.04 4.17
C ARG A 22 -13.04 -8.32 4.70
N ARG A 23 -14.05 -7.86 3.97
CA ARG A 23 -15.44 -8.10 4.35
C ARG A 23 -16.17 -9.06 3.43
N LEU A 24 -15.74 -9.17 2.20
CA LEU A 24 -16.43 -9.97 1.20
C LEU A 24 -15.77 -11.33 1.05
N PRO A 25 -16.54 -12.39 0.78
CA PRO A 25 -15.92 -13.68 0.46
C PRO A 25 -15.02 -13.56 -0.75
N PHE A 26 -14.02 -14.43 -0.81
CA PHE A 26 -13.16 -14.50 -1.97
C PHE A 26 -14.00 -14.70 -3.23
N LEU A 27 -13.52 -14.14 -4.35
CA LEU A 27 -14.11 -14.34 -5.66
C LEU A 27 -15.50 -13.71 -5.76
N SER A 28 -15.76 -12.69 -4.95
CA SER A 28 -17.04 -11.96 -5.01
C SER A 28 -17.06 -10.87 -6.06
N CYS A 29 -15.91 -10.43 -6.57
CA CYS A 29 -15.87 -9.19 -7.30
C CYS A 29 -15.18 -9.33 -8.65
N LEU A 30 -15.32 -10.49 -9.29
CA LEU A 30 -14.63 -10.79 -10.53
C LEU A 30 -14.79 -9.70 -11.57
N LYS A 31 -16.00 -9.16 -11.71
CA LYS A 31 -16.24 -8.19 -12.77
C LYS A 31 -15.61 -6.84 -12.49
N ASP A 32 -15.10 -6.61 -11.28
CA ASP A 32 -14.45 -5.35 -10.93
C ASP A 32 -12.93 -5.45 -10.89
N ARG A 33 -12.37 -6.65 -11.13
CA ARG A 33 -10.92 -6.83 -11.05
C ARG A 33 -10.21 -5.92 -12.06
N GLN A 34 -9.00 -5.49 -11.70
CA GLN A 34 -8.31 -4.45 -12.45
C GLN A 34 -6.81 -4.58 -12.23
N ASP A 35 -6.04 -4.61 -13.31
CA ASP A 35 -4.59 -4.54 -13.22
C ASP A 35 -4.19 -3.08 -13.01
N PHE A 36 -3.56 -2.78 -11.87
CA PHE A 36 -3.20 -1.40 -11.53
C PHE A 36 -1.77 -1.06 -11.91
N GLY A 37 -0.96 -2.03 -12.35
CA GLY A 37 0.40 -1.77 -12.77
C GLY A 37 1.29 -1.25 -11.66
N PHE A 38 1.27 -1.90 -10.51
CA PHE A 38 2.12 -1.50 -9.40
C PHE A 38 3.58 -1.47 -9.83
N PRO A 39 4.27 -0.34 -9.72
CA PRO A 39 5.58 -0.18 -10.39
C PRO A 39 6.73 -0.89 -9.71
N LEU A 40 6.57 -1.41 -8.49
CA LEU A 40 7.67 -2.04 -7.79
C LEU A 40 7.52 -3.55 -7.69
N GLU A 41 6.56 -4.13 -8.43
CA GLU A 41 6.28 -5.57 -8.32
C GLU A 41 7.47 -6.42 -8.73
N LYS A 42 8.30 -5.93 -9.66
CA LYS A 42 9.45 -6.69 -10.17
C LYS A 42 10.76 -5.93 -9.96
N VAL A 43 10.84 -5.11 -8.93
CA VAL A 43 12.00 -4.23 -8.72
C VAL A 43 12.89 -4.85 -7.65
N ASP A 44 14.04 -5.38 -8.08
CA ASP A 44 15.01 -6.03 -7.23
C ASP A 44 15.69 -5.02 -6.31
N ASN A 45 16.44 -5.54 -5.32
CA ASN A 45 17.27 -4.69 -4.50
C ASN A 45 18.58 -4.32 -5.18
N GLN A 46 18.96 -5.06 -6.22
CA GLN A 46 20.07 -4.64 -7.08
C GLN A 46 19.74 -3.35 -7.82
N GLN A 47 18.46 -3.04 -8.01
CA GLN A 47 18.06 -1.93 -8.86
C GLN A 47 18.04 -0.60 -8.08
N ILE A 48 17.47 -0.59 -6.88
CA ILE A 48 17.44 0.61 -6.03
C ILE A 48 18.05 0.26 -4.68
N GLN A 49 19.03 1.05 -4.26
CA GLN A 49 19.81 0.73 -3.07
C GLN A 49 19.14 1.31 -1.81
N LYS A 50 19.77 1.03 -0.66
CA LYS A 50 19.23 1.47 0.63
C LYS A 50 19.00 2.98 0.68
N ALA A 51 20.00 3.75 0.22
CA ALA A 51 19.89 5.21 0.28
C ALA A 51 18.69 5.72 -0.52
N GLN A 52 18.33 5.05 -1.61
CA GLN A 52 17.25 5.51 -2.48
C GLN A 52 15.96 4.73 -2.27
N ALA A 53 16.03 3.52 -1.73
CA ALA A 53 14.80 2.77 -1.46
C ALA A 53 14.01 3.38 -0.32
N ILE A 54 14.70 3.99 0.66
CA ILE A 54 13.99 4.56 1.81
C ILE A 54 13.02 5.65 1.41
N PRO A 55 13.38 6.62 0.55
CA PRO A 55 12.37 7.60 0.10
C PRO A 55 11.20 6.98 -0.62
N VAL A 56 11.45 5.96 -1.46
CA VAL A 56 10.36 5.32 -2.19
C VAL A 56 9.41 4.64 -1.21
N LEU A 57 9.97 3.90 -0.25
CA LEU A 57 9.16 3.27 0.78
C LEU A 57 8.39 4.30 1.60
N ARG A 58 9.03 5.43 1.91
CA ARG A 58 8.37 6.49 2.66
C ARG A 58 7.16 7.01 1.90
N ASP A 59 7.34 7.38 0.63
CA ASP A 59 6.22 7.85 -0.17
CA ASP A 59 6.22 7.85 -0.17
C ASP A 59 5.14 6.78 -0.32
N LEU A 60 5.53 5.53 -0.49
CA LEU A 60 4.54 4.46 -0.60
C LEU A 60 3.70 4.37 0.66
N THR A 61 4.36 4.38 1.82
CA THR A 61 3.65 4.35 3.11
C THR A 61 2.76 5.58 3.26
N GLN A 62 3.24 6.75 2.87
CA GLN A 62 2.46 7.98 3.00
C GLN A 62 1.18 7.90 2.18
N GLN A 63 1.32 7.52 0.91
CA GLN A 63 0.15 7.41 0.04
C GLN A 63 -0.81 6.34 0.52
N THR A 64 -0.30 5.23 1.07
CA THR A 64 -1.19 4.22 1.62
C THR A 64 -1.96 4.76 2.82
N LEU A 65 -1.26 5.47 3.72
CA LEU A 65 -1.93 6.08 4.86
C LEU A 65 -2.99 7.08 4.41
N ASN A 66 -2.66 7.93 3.43
CA ASN A 66 -3.62 8.92 2.94
C ASN A 66 -4.85 8.24 2.36
N LEU A 67 -4.65 7.17 1.59
CA LEU A 67 -5.76 6.42 1.04
C LEU A 67 -6.68 5.88 2.14
N PHE A 68 -6.11 5.34 3.20
CA PHE A 68 -6.98 4.68 4.17
C PHE A 68 -7.48 5.60 5.28
N THR A 69 -7.03 6.86 5.31
CA THR A 69 -7.54 7.86 6.25
C THR A 69 -8.50 8.83 5.58
N SER A 70 -8.93 8.56 4.36
CA SER A 70 -10.00 9.34 3.75
C SER A 70 -11.35 9.04 4.41
N LYS A 71 -12.31 9.92 4.16
CA LYS A 71 -13.67 9.67 4.65
C LYS A 71 -14.29 8.46 3.97
N ALA A 72 -14.01 8.26 2.68
CA ALA A 72 -14.52 7.09 1.98
C ALA A 72 -14.01 5.80 2.63
N SER A 73 -12.74 5.80 3.06
CA SER A 73 -12.19 4.64 3.76
C SER A 73 -12.88 4.41 5.10
N SER A 74 -13.11 5.48 5.87
CA SER A 74 -13.82 5.35 7.13
C SER A 74 -15.21 4.76 6.92
N ALA A 75 -15.84 5.06 5.79
CA ALA A 75 -17.15 4.49 5.50
C ALA A 75 -17.08 3.05 4.97
N ALA A 76 -15.93 2.59 4.46
CA ALA A 76 -15.86 1.27 3.84
C ALA A 76 -15.42 0.14 4.78
N TRP A 77 -14.76 0.44 5.91
CA TRP A 77 -14.01 -0.59 6.64
C TRP A 77 -14.31 -0.50 8.12
N ASN A 78 -14.11 -1.62 8.82
CA ASN A 78 -14.31 -1.63 10.27
C ASN A 78 -13.42 -0.60 10.95
N THR A 79 -13.99 0.12 11.91
CA THR A 79 -13.30 1.28 12.47
C THR A 79 -12.14 0.87 13.38
N THR A 80 -12.30 -0.22 14.17
CA THR A 80 -11.22 -0.72 15.02
C THR A 80 -10.03 -1.18 14.20
N LEU A 81 -10.30 -2.01 13.18
CA LEU A 81 -9.23 -2.47 12.30
C LEU A 81 -8.58 -1.29 11.58
N LEU A 82 -9.39 -0.32 11.14
CA LEU A 82 -8.83 0.86 10.51
C LEU A 82 -7.90 1.60 11.46
N ASP A 83 -8.34 1.78 12.72
CA ASP A 83 -7.47 2.40 13.71
C ASP A 83 -6.13 1.70 13.76
N SER A 84 -6.16 0.36 13.86
CA SER A 84 -4.93 -0.42 13.98
C SER A 84 -4.04 -0.26 12.75
N PHE A 85 -4.62 -0.43 11.57
CA PHE A 85 -3.87 -0.36 10.32
C PHE A 85 -3.27 1.03 10.10
N CYS A 86 -4.08 2.07 10.29
CA CYS A 86 -3.57 3.43 10.09
C CYS A 86 -2.47 3.74 11.09
N ASN A 87 -2.68 3.40 12.38
CA ASN A 87 -1.62 3.61 13.36
C ASN A 87 -0.33 2.89 12.95
N ASP A 88 -0.45 1.65 12.45
CA ASP A 88 0.75 0.92 12.04
C ASP A 88 1.46 1.62 10.90
N LEU A 89 0.71 2.06 9.89
CA LEU A 89 1.32 2.79 8.77
C LEU A 89 1.99 4.07 9.27
N HIS A 90 1.35 4.78 10.20
CA HIS A 90 1.92 6.04 10.67
C HIS A 90 3.21 5.79 11.47
N GLN A 91 3.25 4.70 12.25
CA GLN A 91 4.49 4.34 12.93
C GLN A 91 5.58 3.99 11.92
N GLN A 92 5.20 3.29 10.86
CA GLN A 92 6.13 3.00 9.78
C GLN A 92 6.68 4.28 9.18
N LEU A 93 5.81 5.26 8.94
CA LEU A 93 6.23 6.55 8.41
C LEU A 93 7.19 7.27 9.33
N ASN A 94 6.89 7.29 10.64
CA ASN A 94 7.79 7.93 11.59
C ASN A 94 9.15 7.24 11.62
N ASP A 95 9.17 5.90 11.54
CA ASP A 95 10.44 5.20 11.53
C ASP A 95 11.24 5.54 10.26
N LEU A 96 10.56 5.56 9.10
CA LEU A 96 11.25 5.85 7.85
C LEU A 96 11.77 7.28 7.83
N GLN A 97 10.97 8.23 8.31
CA GLN A 97 11.41 9.63 8.34
C GLN A 97 12.55 9.83 9.31
N THR A 98 12.57 9.09 10.44
CA THR A 98 13.75 9.15 11.30
C THR A 98 14.98 8.59 10.60
N CYS A 99 14.81 7.87 9.50
CA CYS A 99 15.90 7.33 8.68
C CYS A 99 16.71 6.28 9.44
N PRO A 109 9.67 -0.88 -16.53
CA PRO A 109 10.72 -1.04 -15.51
C PRO A 109 11.21 0.30 -14.94
N PRO A 110 10.94 0.56 -13.65
CA PRO A 110 11.44 1.80 -13.03
C PRO A 110 12.90 1.67 -12.60
N LEU A 111 13.71 2.65 -12.97
CA LEU A 111 15.17 2.58 -12.83
C LEU A 111 15.68 3.40 -11.64
N THR A 112 15.46 4.71 -11.65
CA THR A 112 16.06 5.60 -10.66
C THR A 112 15.08 5.85 -9.51
N GLN A 113 15.50 6.72 -8.58
CA GLN A 113 14.65 7.05 -7.43
C GLN A 113 13.49 7.98 -7.84
N GLU A 114 13.77 8.99 -8.67
CA GLU A 114 12.72 9.89 -9.11
C GLU A 114 11.66 9.17 -9.93
N ASP A 115 12.10 8.28 -10.83
CA ASP A 115 11.16 7.48 -11.61
C ASP A 115 10.26 6.64 -10.70
N ALA A 116 10.85 6.03 -9.66
CA ALA A 116 10.06 5.24 -8.73
C ALA A 116 9.02 6.10 -8.01
N LEU A 117 9.44 7.28 -7.54
CA LEU A 117 8.50 8.16 -6.83
C LEU A 117 7.34 8.59 -7.72
N LEU A 118 7.66 9.02 -8.94
CA LEU A 118 6.61 9.45 -9.87
C LEU A 118 5.67 8.29 -10.22
N ALA A 119 6.24 7.10 -10.46
CA ALA A 119 5.41 5.96 -10.82
C ALA A 119 4.49 5.55 -9.67
N VAL A 120 5.00 5.59 -8.44
CA VAL A 120 4.16 5.33 -7.27
C VAL A 120 3.02 6.35 -7.20
N ARG A 121 3.32 7.63 -7.50
CA ARG A 121 2.26 8.64 -7.52
C ARG A 121 1.17 8.29 -8.51
N LYS A 122 1.56 8.00 -9.75
CA LYS A 122 0.57 7.67 -10.77
C LYS A 122 -0.21 6.40 -10.43
N TYR A 123 0.43 5.45 -9.73
CA TYR A 123 -0.26 4.24 -9.32
C TYR A 123 -1.37 4.56 -8.30
N PHE A 124 -1.06 5.39 -7.30
CA PHE A 124 -2.11 5.73 -6.34
C PHE A 124 -3.18 6.61 -6.98
N HIS A 125 -2.81 7.39 -8.01
CA HIS A 125 -3.82 8.11 -8.77
C HIS A 125 -4.76 7.16 -9.50
N ARG A 126 -4.23 6.10 -10.11
CA ARG A 126 -5.07 5.10 -10.75
C ARG A 126 -6.01 4.43 -9.74
N ILE A 127 -5.53 4.23 -8.51
CA ILE A 127 -6.39 3.69 -7.47
C ILE A 127 -7.52 4.67 -7.13
N THR A 128 -7.17 5.95 -6.94
CA THR A 128 -8.18 6.99 -6.65
C THR A 128 -9.24 7.06 -7.75
N VAL A 129 -8.79 7.14 -9.01
CA VAL A 129 -9.70 7.27 -10.14
C VAL A 129 -10.60 6.03 -10.23
N TYR A 130 -10.02 4.83 -10.07
CA TYR A 130 -10.81 3.62 -10.07
C TYR A 130 -11.91 3.66 -9.02
N LEU A 131 -11.57 4.06 -7.78
CA LEU A 131 -12.58 4.10 -6.73
C LEU A 131 -13.68 5.10 -7.06
N ARG A 132 -13.30 6.26 -7.60
CA ARG A 132 -14.31 7.25 -7.98
C ARG A 132 -15.22 6.72 -9.07
N GLU A 133 -14.61 6.10 -10.09
CA GLU A 133 -15.39 5.63 -11.24
C GLU A 133 -16.30 4.49 -10.85
N LYS A 134 -15.90 3.71 -9.84
CA LYS A 134 -16.71 2.61 -9.30
C LYS A 134 -17.63 3.07 -8.17
N LYS A 135 -17.70 4.38 -7.91
CA LYS A 135 -18.58 4.96 -6.89
C LYS A 135 -18.40 4.27 -5.54
N HIS A 136 -17.15 3.89 -5.24
CA HIS A 136 -16.80 3.33 -3.92
C HIS A 136 -17.67 2.14 -3.54
N SER A 137 -17.97 1.30 -4.53
CA SER A 137 -18.73 0.09 -4.23
C SER A 137 -17.92 -0.82 -3.30
N PRO A 138 -18.59 -1.65 -2.49
CA PRO A 138 -17.83 -2.57 -1.64
C PRO A 138 -16.87 -3.43 -2.43
N CYS A 139 -17.26 -3.83 -3.65
CA CYS A 139 -16.37 -4.65 -4.47
C CYS A 139 -15.16 -3.86 -4.94
N ALA A 140 -15.36 -2.58 -5.29
CA ALA A 140 -14.21 -1.76 -5.67
C ALA A 140 -13.26 -1.60 -4.51
N TRP A 141 -13.81 -1.36 -3.32
CA TRP A 141 -12.96 -1.27 -2.15
C TRP A 141 -12.22 -2.58 -1.89
N GLU A 142 -12.85 -3.73 -2.15
CA GLU A 142 -12.18 -5.01 -1.90
C GLU A 142 -11.06 -5.24 -2.92
N VAL A 143 -11.30 -4.87 -4.18
CA VAL A 143 -10.25 -4.94 -5.19
C VAL A 143 -9.05 -4.09 -4.79
N VAL A 144 -9.33 -2.88 -4.32
CA VAL A 144 -8.25 -2.00 -3.88
C VAL A 144 -7.53 -2.56 -2.66
N ARG A 145 -8.27 -3.08 -1.68
CA ARG A 145 -7.64 -3.66 -0.48
C ARG A 145 -6.69 -4.81 -0.84
N ALA A 146 -7.14 -5.75 -1.68
CA ALA A 146 -6.25 -6.84 -2.06
C ALA A 146 -5.05 -6.33 -2.87
N GLU A 147 -5.26 -5.29 -3.70
CA GLU A 147 -4.16 -4.73 -4.47
C GLU A 147 -3.12 -4.10 -3.55
N VAL A 148 -3.58 -3.26 -2.61
CA VAL A 148 -2.67 -2.65 -1.65
C VAL A 148 -1.95 -3.72 -0.83
N TRP A 149 -2.65 -4.79 -0.45
CA TRP A 149 -2.00 -5.86 0.30
C TRP A 149 -0.82 -6.41 -0.49
N ARG A 150 -1.03 -6.68 -1.78
CA ARG A 150 0.07 -7.20 -2.60
C ARG A 150 1.18 -6.17 -2.75
N ALA A 151 0.83 -4.89 -2.90
CA ALA A 151 1.85 -3.86 -3.02
C ALA A 151 2.69 -3.78 -1.76
N LEU A 152 2.05 -3.76 -0.59
CA LEU A 152 2.78 -3.73 0.67
C LEU A 152 3.67 -4.96 0.83
N SER A 153 3.16 -6.12 0.42
CA SER A 153 3.97 -7.31 0.53
C SER A 153 5.15 -7.28 -0.43
N SER A 154 4.93 -6.77 -1.65
CA SER A 154 6.02 -6.66 -2.61
C SER A 154 7.07 -5.69 -2.13
N SER A 155 6.63 -4.61 -1.49
CA SER A 155 7.52 -3.48 -1.22
C SER A 155 8.69 -3.88 -0.36
N VAL A 156 8.52 -4.87 0.52
CA VAL A 156 9.63 -5.27 1.38
C VAL A 156 10.82 -5.78 0.57
N ASN A 157 10.61 -6.08 -0.71
CA ASN A 157 11.71 -6.53 -1.56
C ASN A 157 12.78 -5.46 -1.77
N LEU A 158 12.47 -4.19 -1.50
CA LEU A 158 13.42 -3.11 -1.67
C LEU A 158 14.33 -2.92 -0.46
N LEU A 159 14.10 -3.63 0.63
CA LEU A 159 15.03 -3.52 1.74
C LEU A 159 15.96 -4.73 1.79
N PRO A 160 17.23 -4.52 2.12
CA PRO A 160 18.16 -5.63 2.29
C PRO A 160 18.01 -6.24 3.68
N ARG A 161 18.75 -7.32 3.91
CA ARG A 161 18.78 -7.92 5.25
C ARG A 161 20.20 -8.14 5.73
C1 GOL B . -4.93 -12.72 -0.19
O1 GOL B . -3.61 -13.14 0.11
C2 GOL B . -5.10 -11.22 0.17
O2 GOL B . -5.12 -10.39 -0.97
C3 GOL B . -6.41 -11.15 0.97
O3 GOL B . -6.11 -10.63 2.21
C1 GOL C . -19.24 -1.49 9.16
O1 GOL C . -18.62 -0.43 8.49
C2 GOL C . -18.32 -1.96 10.33
O2 GOL C . -18.57 -1.25 11.51
C3 GOL C . -18.59 -3.48 10.51
O3 GOL C . -17.60 -4.16 9.79
C1 GOL D . -13.81 -7.33 8.39
O1 GOL D . -13.95 -8.72 8.46
C2 GOL D . -14.78 -6.72 9.43
O2 GOL D . -16.08 -7.20 9.28
C3 GOL D . -14.19 -7.11 10.79
O3 GOL D . -14.70 -6.20 11.71
C1 GOL E . -7.71 10.02 -17.22
O1 GOL E . -6.44 9.58 -17.55
C2 GOL E . -7.89 9.75 -15.70
O2 GOL E . -7.71 8.40 -15.38
C3 GOL E . -6.86 10.67 -15.02
O3 GOL E . -7.36 11.98 -15.06
P PO4 F . -10.63 8.05 -1.91
O1 PO4 F . -10.08 7.16 -0.82
O2 PO4 F . -11.49 7.23 -2.84
O3 PO4 F . -9.47 8.65 -2.69
O4 PO4 F . -11.46 9.17 -1.31
#